data_5B5X
#
_entry.id   5B5X
#
_cell.length_a   55.972
_cell.length_b   88.004
_cell.length_c   100.842
_cell.angle_alpha   90.00
_cell.angle_beta   90.00
_cell.angle_gamma   90.00
#
_symmetry.space_group_name_H-M   'I 2 2 2'
#
loop_
_entity.id
_entity.type
_entity.pdbx_description
1 polymer 'limiting CO2-inducible protein LCIC'
2 non-polymer 'ZINC ION'
3 non-polymer 'SULFATE ION'
4 water water
#
_entity_poly.entity_id   1
_entity_poly.type   'polypeptide(L)'
_entity_poly.pdbx_seq_one_letter_code
;GHMASQALTVSQSKAVAPSNGAPAPLAQVEEVDIARHMNDRHAHILRYFPTALGVDDFMARTEIVLGGFGFTGDNTIAMT
NLCRDEVTQVVKDKIEAAFGSSFNTNGLGAVLTCGVTGMKAGLSHSPVCAGGRERYVFFAFPHIAINSEGEVGAISRPGR
PKMSCACGALQKCLVELKAEGVDAAVRAPGLHDPIEPEYSILKQRLARRIRYEKLDPQLMDLPSLTALAERTISDDLEYL
IEKAVNPATSDYAVITGVEIHNWAAHLEEGGDPSMEFIAPTKAYVVVNGVKTHLDLMMVPPMSFRQLQ
;
_entity_poly.pdbx_strand_id   A
#
# COMPACT_ATOMS: atom_id res chain seq x y z
N ILE A 45 11.07 15.21 -8.29
CA ILE A 45 10.34 14.16 -7.58
C ILE A 45 11.24 13.40 -6.61
N LEU A 46 12.43 13.01 -7.09
CA LEU A 46 13.36 12.23 -6.30
C LEU A 46 13.84 12.95 -5.05
N ARG A 47 13.75 14.28 -5.08
CA ARG A 47 14.09 15.10 -3.93
C ARG A 47 13.18 14.83 -2.73
N TYR A 48 12.15 14.02 -2.95
CA TYR A 48 11.26 13.60 -1.88
C TYR A 48 11.22 12.08 -1.70
N PHE A 49 11.33 11.34 -2.80
CA PHE A 49 11.19 9.88 -2.78
C PHE A 49 12.28 9.23 -3.61
N PRO A 50 13.49 9.15 -3.05
CA PRO A 50 14.66 8.63 -3.77
C PRO A 50 14.41 7.32 -4.53
N THR A 51 13.56 6.45 -4.00
CA THR A 51 13.31 5.16 -4.64
C THR A 51 12.18 5.19 -5.66
N ALA A 52 11.65 6.39 -5.95
CA ALA A 52 10.53 6.52 -6.89
C ALA A 52 10.88 5.93 -8.23
N LEU A 53 10.01 5.08 -8.77
CA LEU A 53 10.16 4.52 -10.13
C LEU A 53 8.96 4.93 -10.97
N GLY A 54 9.19 5.11 -12.27
CA GLY A 54 8.08 5.26 -13.19
C GLY A 54 7.22 4.02 -13.04
N VAL A 55 5.92 4.19 -13.13
CA VAL A 55 5.00 3.10 -12.79
C VAL A 55 5.19 1.88 -13.67
N ASP A 56 5.49 2.07 -14.96
CA ASP A 56 5.76 0.91 -15.82
C ASP A 56 7.09 0.24 -15.49
N ASP A 57 8.07 1.04 -15.07
CA ASP A 57 9.32 0.46 -14.59
C ASP A 57 9.02 -0.38 -13.36
N PHE A 58 8.17 0.14 -12.47
CA PHE A 58 7.81 -0.60 -11.28
C PHE A 58 7.15 -1.94 -11.63
N MET A 59 6.19 -1.92 -12.55
CA MET A 59 5.48 -3.13 -12.94
C MET A 59 6.41 -4.18 -13.55
N ALA A 60 7.33 -3.75 -14.42
CA ALA A 60 8.29 -4.66 -15.06
C ALA A 60 9.20 -5.33 -14.02
N ARG A 61 9.74 -4.51 -13.12
CA ARG A 61 10.63 -5.05 -12.10
C ARG A 61 9.86 -6.01 -11.21
N THR A 62 8.56 -5.79 -11.08
CA THR A 62 7.72 -6.67 -10.27
C THR A 62 7.42 -7.96 -11.01
N GLU A 63 7.08 -7.86 -12.29
CA GLU A 63 6.91 -9.05 -13.11
C GLU A 63 8.19 -9.91 -13.16
N ILE A 64 9.35 -9.29 -13.27
CA ILE A 64 10.63 -10.00 -13.28
C ILE A 64 10.87 -10.84 -12.01
N VAL A 65 10.71 -10.25 -10.82
CA VAL A 65 10.93 -11.02 -9.61
C VAL A 65 9.86 -12.08 -9.39
N LEU A 66 8.57 -11.74 -9.55
CA LEU A 66 7.49 -12.70 -9.33
C LEU A 66 7.68 -13.97 -10.19
N GLY A 67 8.07 -13.79 -11.46
CA GLY A 67 8.27 -14.91 -12.36
C GLY A 67 9.40 -15.76 -11.84
N GLY A 68 10.38 -15.10 -11.25
CA GLY A 68 11.46 -15.77 -10.58
C GLY A 68 11.02 -16.72 -9.50
N PHE A 69 9.85 -16.46 -8.90
CA PHE A 69 9.34 -17.33 -7.83
C PHE A 69 8.12 -18.14 -8.22
N GLY A 70 7.82 -18.19 -9.51
CA GLY A 70 6.80 -19.09 -10.01
C GLY A 70 5.46 -18.42 -10.16
N PHE A 71 5.42 -17.11 -10.00
CA PHE A 71 4.19 -16.39 -10.28
C PHE A 71 4.08 -16.07 -11.75
N THR A 72 2.85 -16.15 -12.27
CA THR A 72 2.55 -15.69 -13.63
C THR A 72 1.28 -14.86 -13.61
N GLY A 73 1.09 -14.03 -14.64
CA GLY A 73 -0.11 -13.23 -14.79
C GLY A 73 -1.36 -14.09 -14.84
N ASP A 74 -1.18 -15.33 -15.23
CA ASP A 74 -2.31 -16.22 -15.36
C ASP A 74 -2.53 -17.15 -14.17
N ASN A 75 -1.54 -17.35 -13.31
CA ASN A 75 -1.80 -18.23 -12.17
C ASN A 75 -2.05 -17.47 -10.88
N THR A 76 -2.00 -16.14 -10.93
CA THR A 76 -2.08 -15.34 -9.72
C THR A 76 -3.29 -14.42 -9.72
N ILE A 77 -4.05 -14.47 -8.63
CA ILE A 77 -5.04 -13.44 -8.28
C ILE A 77 -4.33 -12.28 -7.57
N ALA A 78 -4.43 -11.06 -8.11
CA ALA A 78 -3.88 -9.90 -7.40
C ALA A 78 -4.97 -9.16 -6.62
N MET A 79 -4.54 -8.44 -5.58
CA MET A 79 -5.43 -7.56 -4.83
C MET A 79 -4.79 -6.20 -4.67
N THR A 80 -5.57 -5.13 -4.83
CA THR A 80 -5.03 -3.77 -4.75
C THR A 80 -5.80 -2.91 -3.75
N ASN A 81 -5.08 -2.12 -2.97
CA ASN A 81 -5.71 -1.17 -2.09
C ASN A 81 -5.15 0.19 -2.36
N LEU A 82 -6.04 1.14 -2.65
CA LEU A 82 -5.62 2.48 -3.02
C LEU A 82 -6.55 3.46 -2.36
N CYS A 83 -6.20 4.74 -2.40
CA CYS A 83 -7.12 5.74 -1.96
C CYS A 83 -8.34 5.76 -2.88
N ARG A 84 -9.46 6.30 -2.40
CA ARG A 84 -10.70 6.30 -3.18
C ARG A 84 -10.65 7.35 -4.29
N ASP A 85 -9.61 8.19 -4.26
CA ASP A 85 -9.47 9.27 -5.23
C ASP A 85 -9.45 8.79 -6.67
N GLU A 86 -9.97 9.60 -7.57
CA GLU A 86 -10.06 9.28 -8.99
C GLU A 86 -8.67 9.13 -9.62
N VAL A 87 -7.70 9.86 -9.09
CA VAL A 87 -6.36 9.87 -9.62
C VAL A 87 -5.55 8.58 -9.49
N THR A 88 -5.98 7.69 -8.61
CA THR A 88 -5.26 6.43 -8.40
C THR A 88 -5.53 5.41 -9.50
N GLN A 89 -6.10 5.87 -10.61
CA GLN A 89 -6.61 4.96 -11.64
C GLN A 89 -5.50 4.27 -12.44
N VAL A 90 -4.38 4.95 -12.68
CA VAL A 90 -3.35 4.40 -13.56
C VAL A 90 -2.70 3.14 -12.99
N VAL A 91 -2.28 3.20 -11.74
CA VAL A 91 -1.67 2.04 -11.07
C VAL A 91 -2.60 0.83 -11.11
N LYS A 92 -3.88 1.13 -11.01
CA LYS A 92 -4.91 0.13 -10.92
C LYS A 92 -5.21 -0.52 -12.29
N ASP A 93 -5.20 0.30 -13.35
CA ASP A 93 -5.31 -0.23 -14.70
C ASP A 93 -4.09 -1.07 -15.07
N LYS A 94 -2.91 -0.59 -14.70
CA LYS A 94 -1.66 -1.27 -15.03
C LYS A 94 -1.59 -2.64 -14.39
N ILE A 95 -2.00 -2.72 -13.14
CA ILE A 95 -1.98 -3.98 -12.41
C ILE A 95 -2.97 -4.99 -12.99
N GLU A 96 -4.20 -4.58 -13.22
CA GLU A 96 -5.19 -5.53 -13.73
C GLU A 96 -4.95 -5.90 -15.20
N ALA A 97 -4.19 -5.09 -15.92
CA ALA A 97 -3.70 -5.54 -17.23
C ALA A 97 -2.59 -6.59 -17.08
N ALA A 98 -1.84 -6.54 -15.97
CA ALA A 98 -0.78 -7.51 -15.76
C ALA A 98 -1.30 -8.86 -15.28
N PHE A 99 -2.50 -8.89 -14.73
CA PHE A 99 -3.05 -10.11 -14.13
C PHE A 99 -4.38 -10.49 -14.73
N GLY A 100 -4.66 -11.79 -14.71
CA GLY A 100 -5.93 -12.31 -15.20
C GLY A 100 -7.06 -11.96 -14.27
N SER A 101 -6.93 -12.35 -13.00
CA SER A 101 -7.95 -12.02 -12.03
C SER A 101 -7.43 -10.94 -11.09
N SER A 102 -8.19 -9.84 -11.00
CA SER A 102 -7.86 -8.74 -10.12
C SER A 102 -9.04 -8.44 -9.20
N PHE A 103 -8.75 -7.85 -8.04
CA PHE A 103 -9.76 -7.60 -7.02
C PHE A 103 -9.30 -6.36 -6.26
N ASN A 104 -10.14 -5.35 -6.16
CA ASN A 104 -9.70 -4.11 -5.55
C ASN A 104 -10.46 -3.71 -4.29
N THR A 105 -9.75 -3.00 -3.42
CA THR A 105 -10.36 -2.39 -2.25
C THR A 105 -9.87 -0.95 -2.27
N ASN A 106 -10.51 -0.08 -1.51
CA ASN A 106 -10.07 1.30 -1.42
C ASN A 106 -10.85 2.08 -0.40
N GLY A 107 -10.18 3.02 0.26
CA GLY A 107 -10.88 3.90 1.16
C GLY A 107 -10.08 5.17 1.26
N LEU A 108 -10.52 6.07 2.13
CA LEU A 108 -9.82 7.33 2.34
C LEU A 108 -8.40 7.07 2.72
N GLY A 109 -7.48 7.71 1.99
CA GLY A 109 -6.05 7.54 2.18
C GLY A 109 -5.61 6.09 2.10
N ALA A 110 -6.39 5.29 1.39
CA ALA A 110 -6.18 3.84 1.27
C ALA A 110 -6.23 3.09 2.61
N VAL A 111 -6.98 3.61 3.59
CA VAL A 111 -7.22 2.87 4.82
C VAL A 111 -7.91 1.55 4.49
N LEU A 112 -7.58 0.50 5.25
CA LEU A 112 -8.11 -0.85 5.02
C LEU A 112 -9.29 -1.23 5.92
N THR A 113 -10.48 -1.29 5.35
CA THR A 113 -11.68 -1.55 6.14
C THR A 113 -12.37 -2.86 5.79
N CYS A 114 -11.95 -3.49 4.70
CA CYS A 114 -12.61 -4.69 4.22
C CYS A 114 -12.45 -5.87 5.17
N GLY A 115 -11.49 -5.78 6.08
CA GLY A 115 -11.26 -6.83 7.06
C GLY A 115 -11.00 -8.19 6.44
N VAL A 116 -10.98 -9.24 7.26
CA VAL A 116 -10.69 -10.56 6.76
C VAL A 116 -11.83 -11.06 5.88
N THR A 117 -13.03 -10.57 6.16
CA THR A 117 -14.24 -10.98 5.45
C THR A 117 -14.20 -10.50 4.03
N GLY A 118 -13.85 -9.22 3.87
CA GLY A 118 -13.68 -8.66 2.55
C GLY A 118 -12.55 -9.31 1.76
N MET A 119 -11.42 -9.54 2.41
CA MET A 119 -10.28 -10.15 1.73
C MET A 119 -10.57 -11.58 1.29
N LYS A 120 -11.04 -12.43 2.21
CA LYS A 120 -11.35 -13.81 1.83
C LYS A 120 -12.38 -13.81 0.73
N ALA A 121 -13.26 -12.84 0.74
CA ALA A 121 -14.29 -12.75 -0.27
C ALA A 121 -13.67 -12.49 -1.64
N GLY A 122 -12.83 -11.46 -1.73
CA GLY A 122 -12.19 -11.10 -2.98
C GLY A 122 -11.26 -12.12 -3.59
N LEU A 123 -11.11 -13.28 -2.96
CA LEU A 123 -10.19 -14.29 -3.47
C LEU A 123 -10.96 -15.46 -4.08
N SER A 124 -11.10 -15.40 -5.42
CA SER A 124 -11.48 -16.51 -6.32
C SER A 124 -11.75 -15.98 -7.73
N ARG A 133 -1.67 -24.74 -7.08
CA ARG A 133 -1.51 -24.11 -5.76
C ARG A 133 -1.98 -22.66 -5.83
N GLU A 134 -2.56 -22.14 -4.74
CA GLU A 134 -3.12 -20.79 -4.74
C GLU A 134 -2.03 -19.74 -4.71
N ARG A 135 -2.17 -18.73 -5.55
CA ARG A 135 -1.17 -17.66 -5.64
C ARG A 135 -1.83 -16.29 -5.63
N TYR A 136 -1.35 -15.43 -4.74
CA TYR A 136 -1.88 -14.08 -4.59
C TYR A 136 -0.77 -13.06 -4.50
N VAL A 137 -1.06 -11.82 -4.87
CA VAL A 137 -0.11 -10.75 -4.63
C VAL A 137 -0.89 -9.53 -4.15
N PHE A 138 -0.36 -8.89 -3.10
CA PHE A 138 -1.07 -7.82 -2.44
C PHE A 138 -0.36 -6.51 -2.65
N PHE A 139 -1.00 -5.58 -3.35
CA PHE A 139 -0.48 -4.23 -3.51
C PHE A 139 -1.19 -3.22 -2.63
N ALA A 140 -0.43 -2.27 -2.09
CA ALA A 140 -1.04 -1.20 -1.31
C ALA A 140 -0.23 0.07 -1.42
N PHE A 141 -0.91 1.14 -1.79
CA PHE A 141 -0.30 2.44 -1.94
C PHE A 141 -1.22 3.54 -1.47
N PRO A 142 -0.77 4.35 -0.50
CA PRO A 142 -1.35 5.68 -0.34
C PRO A 142 -0.80 6.54 -1.45
N HIS A 143 -1.43 7.68 -1.74
CA HIS A 143 -0.96 8.54 -2.82
C HIS A 143 -0.57 9.94 -2.36
N ILE A 144 0.09 10.67 -3.25
CA ILE A 144 0.55 12.04 -2.99
C ILE A 144 0.83 12.73 -4.31
N ALA A 145 0.64 14.04 -4.36
CA ALA A 145 0.89 14.79 -5.59
C ALA A 145 2.02 15.79 -5.41
N ILE A 146 2.98 15.79 -6.33
CA ILE A 146 4.11 16.71 -6.33
C ILE A 146 4.27 17.28 -7.73
N ASN A 147 4.81 18.50 -7.86
CA ASN A 147 5.29 18.99 -9.16
C ASN A 147 6.25 20.19 -9.04
N ALA A 166 -3.99 15.71 -3.53
CA ALA A 166 -3.59 14.34 -3.21
C ALA A 166 -2.58 14.28 -2.04
N CYS A 167 -2.93 13.57 -0.97
CA CYS A 167 -4.11 12.71 -0.89
C CYS A 167 -5.46 13.42 -0.71
N GLY A 168 -5.54 14.38 0.21
CA GLY A 168 -6.81 15.01 0.52
C GLY A 168 -7.15 14.67 1.97
N ALA A 169 -7.52 13.41 2.19
CA ALA A 169 -7.73 12.90 3.53
C ALA A 169 -6.43 12.86 4.36
N LEU A 170 -5.30 12.57 3.72
CA LEU A 170 -4.04 12.56 4.44
C LEU A 170 -3.63 14.01 4.77
N GLN A 171 -4.00 14.93 3.89
CA GLN A 171 -3.71 16.35 4.09
C GLN A 171 -4.49 16.89 5.29
N LYS A 172 -5.74 16.45 5.40
CA LYS A 172 -6.61 16.86 6.48
C LYS A 172 -6.08 16.30 7.81
N CYS A 173 -5.66 15.05 7.80
CA CYS A 173 -5.03 14.41 8.96
C CYS A 173 -3.83 15.23 9.43
N LEU A 174 -2.96 15.62 8.50
CA LEU A 174 -1.76 16.37 8.82
C LEU A 174 -2.09 17.61 9.64
N VAL A 175 -3.05 18.38 9.12
CA VAL A 175 -3.49 19.62 9.76
C VAL A 175 -4.03 19.40 11.18
N GLU A 176 -4.81 18.36 11.37
CA GLU A 176 -5.45 18.09 12.65
C GLU A 176 -4.47 17.54 13.65
N LEU A 177 -3.62 16.61 13.19
CA LEU A 177 -2.58 16.05 14.01
C LEU A 177 -1.65 17.13 14.55
N LYS A 178 -1.43 18.18 13.76
CA LYS A 178 -0.60 19.29 14.21
C LYS A 178 -1.37 20.22 15.15
N ALA A 179 -2.65 20.41 14.88
CA ALA A 179 -3.48 21.37 15.63
C ALA A 179 -3.71 20.90 17.07
N GLU A 180 -4.17 19.67 17.23
CA GLU A 180 -4.24 19.07 18.56
C GLU A 180 -3.07 18.13 18.71
N GLY A 181 -2.93 17.51 19.87
CA GLY A 181 -1.79 16.64 20.07
C GLY A 181 -1.89 15.39 19.23
N VAL A 182 -0.79 14.63 19.15
CA VAL A 182 -0.86 13.27 18.66
C VAL A 182 -1.81 12.58 19.63
N ASP A 183 -1.71 12.96 20.90
CA ASP A 183 -2.49 12.38 21.99
C ASP A 183 -4.00 12.51 21.84
N ALA A 184 -4.45 13.74 21.59
CA ALA A 184 -5.87 14.01 21.47
C ALA A 184 -6.48 13.13 20.38
N ALA A 185 -5.70 12.89 19.33
CA ALA A 185 -6.18 12.19 18.15
C ALA A 185 -6.22 10.67 18.32
N VAL A 186 -5.55 10.13 19.33
CA VAL A 186 -5.56 8.67 19.47
C VAL A 186 -6.81 8.24 20.21
N ARG A 187 -7.28 7.07 19.82
CA ARG A 187 -8.38 6.39 20.50
C ARG A 187 -8.08 4.91 20.31
N ALA A 188 -8.67 4.08 21.14
CA ALA A 188 -8.35 2.66 21.14
C ALA A 188 -8.85 2.03 19.88
N PRO A 189 -8.24 0.90 19.48
CA PRO A 189 -8.82 0.20 18.33
C PRO A 189 -10.25 -0.28 18.63
N GLY A 190 -11.10 -0.25 17.62
CA GLY A 190 -12.45 -0.76 17.77
C GLY A 190 -13.46 0.35 17.93
N LEU A 191 -12.97 1.58 18.06
CA LEU A 191 -13.84 2.73 18.11
C LEU A 191 -13.80 3.52 16.81
N HIS A 192 -14.86 4.26 16.52
CA HIS A 192 -14.92 5.09 15.35
C HIS A 192 -16.09 6.02 15.42
N ASP A 193 -16.02 7.10 14.67
CA ASP A 193 -17.09 8.05 14.58
C ASP A 193 -18.19 7.61 13.59
N PRO A 194 -19.43 7.47 14.08
CA PRO A 194 -20.62 7.13 13.26
C PRO A 194 -20.72 7.85 11.92
N ILE A 195 -20.54 9.18 11.86
CA ILE A 195 -20.63 9.84 10.55
C ILE A 195 -19.28 10.10 9.87
N GLU A 196 -18.20 9.55 10.42
CA GLU A 196 -16.90 9.56 9.74
C GLU A 196 -16.15 8.25 9.93
N PRO A 197 -16.77 7.12 9.61
CA PRO A 197 -16.12 5.85 9.94
C PRO A 197 -14.71 5.71 9.34
N GLU A 198 -14.59 5.73 8.00
CA GLU A 198 -13.28 5.58 7.34
C GLU A 198 -12.28 6.59 7.85
N TYR A 199 -12.66 7.86 7.83
CA TYR A 199 -11.74 8.93 8.19
C TYR A 199 -11.25 8.78 9.61
N SER A 200 -12.17 8.53 10.55
CA SER A 200 -11.81 8.44 11.97
C SER A 200 -10.89 7.23 12.21
N ILE A 201 -11.24 6.08 11.64
CA ILE A 201 -10.34 4.93 11.71
C ILE A 201 -8.98 5.24 11.08
N LEU A 202 -8.99 5.97 9.97
CA LEU A 202 -7.74 6.32 9.33
C LEU A 202 -6.87 7.17 10.27
N LYS A 203 -7.44 8.25 10.79
CA LYS A 203 -6.70 9.17 11.64
C LYS A 203 -6.29 8.53 12.97
N GLN A 204 -7.04 7.53 13.41
CA GLN A 204 -6.72 6.92 14.69
C GLN A 204 -5.56 5.96 14.55
N ARG A 205 -5.46 5.32 13.38
CA ARG A 205 -4.36 4.40 13.16
C ARG A 205 -3.05 5.15 12.93
N LEU A 206 -3.13 6.34 12.33
CA LEU A 206 -1.95 7.19 12.16
C LEU A 206 -1.51 7.81 13.51
N ALA A 207 -2.48 8.12 14.38
CA ALA A 207 -2.14 8.73 15.67
C ALA A 207 -1.36 7.76 16.53
N ARG A 208 -1.87 6.54 16.62
CA ARG A 208 -1.23 5.46 17.34
C ARG A 208 0.12 5.14 16.72
N ARG A 209 0.14 4.95 15.41
CA ARG A 209 1.37 4.65 14.72
C ARG A 209 2.45 5.71 14.98
N ILE A 210 2.04 6.97 15.02
CA ILE A 210 2.97 8.09 15.25
C ILE A 210 3.56 8.04 16.65
N ARG A 211 2.72 7.73 17.62
CA ARG A 211 3.15 7.70 18.99
C ARG A 211 4.08 6.51 19.24
N TYR A 212 3.83 5.43 18.49
CA TYR A 212 4.58 4.18 18.61
C TYR A 212 5.99 4.27 18.00
N GLU A 213 6.28 5.35 17.29
CA GLU A 213 7.62 5.55 16.73
C GLU A 213 8.29 6.85 17.19
N LYS A 214 7.88 7.36 18.35
CA LYS A 214 8.37 8.63 18.93
C LYS A 214 8.49 9.77 17.92
N LEU A 215 7.61 9.81 16.92
CA LEU A 215 7.62 10.87 15.91
C LEU A 215 6.89 12.13 16.36
N ASP A 216 7.48 13.28 16.04
CA ASP A 216 6.88 14.56 16.35
C ASP A 216 6.12 15.11 15.13
N PRO A 217 4.78 15.20 15.23
CA PRO A 217 3.98 15.62 14.08
C PRO A 217 4.25 17.08 13.66
N GLN A 218 4.93 17.82 14.51
CA GLN A 218 5.27 19.21 14.23
C GLN A 218 6.31 19.32 13.14
N LEU A 219 7.19 18.34 13.08
CA LEU A 219 8.28 18.33 12.10
C LEU A 219 7.86 17.62 10.80
N MET A 220 6.81 16.81 10.89
CA MET A 220 6.40 16.05 9.73
C MET A 220 5.75 16.93 8.69
N ASP A 221 6.02 16.62 7.43
CA ASP A 221 5.35 17.22 6.29
C ASP A 221 4.47 16.16 5.63
N LEU A 222 3.74 16.54 4.60
CA LEU A 222 2.83 15.62 3.95
C LEU A 222 3.51 14.38 3.35
N PRO A 223 4.70 14.55 2.71
CA PRO A 223 5.36 13.29 2.31
C PRO A 223 5.65 12.36 3.49
N SER A 224 6.16 12.86 4.61
CA SER A 224 6.48 11.95 5.70
C SER A 224 5.20 11.29 6.26
N LEU A 225 4.05 11.97 6.23
CA LEU A 225 2.81 11.37 6.73
C LEU A 225 2.28 10.32 5.74
N THR A 226 2.33 10.63 4.44
CA THR A 226 1.97 9.65 3.40
C THR A 226 2.82 8.40 3.54
N ALA A 227 4.03 8.65 3.90
CA ALA A 227 5.00 7.61 4.26
C ALA A 227 4.68 6.83 5.58
N LEU A 228 4.31 7.55 6.63
CA LEU A 228 3.88 6.89 7.86
C LEU A 228 2.66 6.03 7.57
N ALA A 229 1.79 6.55 6.71
CA ALA A 229 0.55 5.89 6.30
C ALA A 229 0.81 4.54 5.65
N GLU A 230 1.66 4.55 4.64
CA GLU A 230 2.16 3.32 4.02
C GLU A 230 2.54 2.25 5.05
N ARG A 231 3.45 2.59 5.97
CA ARG A 231 3.80 1.65 7.03
C ARG A 231 2.60 1.16 7.82
N THR A 232 1.72 2.08 8.22
CA THR A 232 0.51 1.67 8.96
C THR A 232 -0.36 0.75 8.12
N ILE A 233 -0.61 1.18 6.88
CA ILE A 233 -1.45 0.41 5.97
C ILE A 233 -0.81 -0.94 5.76
N SER A 234 0.51 -0.89 5.60
CA SER A 234 1.29 -2.08 5.34
C SER A 234 1.17 -3.07 6.49
N ASP A 235 1.24 -2.59 7.72
CA ASP A 235 1.08 -3.52 8.84
C ASP A 235 -0.34 -4.06 8.97
N ASP A 236 -1.34 -3.24 8.69
CA ASP A 236 -2.70 -3.75 8.76
C ASP A 236 -3.02 -4.76 7.67
N LEU A 237 -2.40 -4.58 6.51
CA LEU A 237 -2.54 -5.57 5.44
C LEU A 237 -1.93 -6.92 5.88
N GLU A 238 -0.78 -6.84 6.55
CA GLU A 238 -0.14 -8.05 7.09
C GLU A 238 -1.02 -8.78 8.12
N TYR A 239 -1.69 -8.04 9.02
CA TYR A 239 -2.64 -8.63 9.98
C TYR A 239 -3.69 -9.47 9.28
N LEU A 240 -4.29 -8.89 8.25
CA LEU A 240 -5.36 -9.54 7.49
C LEU A 240 -4.90 -10.79 6.75
N ILE A 241 -3.74 -10.70 6.11
CA ILE A 241 -3.23 -11.80 5.30
C ILE A 241 -2.97 -13.05 6.14
N GLU A 242 -2.40 -12.87 7.34
CA GLU A 242 -2.13 -14.03 8.19
C GLU A 242 -3.44 -14.66 8.70
N LYS A 243 -4.49 -13.85 8.86
CA LYS A 243 -5.78 -14.42 9.21
C LYS A 243 -6.39 -15.15 8.02
N ALA A 244 -6.22 -14.59 6.83
CA ALA A 244 -6.99 -15.04 5.67
C ALA A 244 -6.29 -16.09 4.80
N VAL A 245 -4.96 -16.12 4.83
CA VAL A 245 -4.23 -17.03 3.94
C VAL A 245 -3.49 -18.14 4.69
N ASN A 246 -3.57 -19.35 4.15
CA ASN A 246 -2.77 -20.44 4.68
C ASN A 246 -1.45 -20.56 3.94
N PRO A 247 -0.34 -20.15 4.57
CA PRO A 247 0.97 -20.12 3.91
C PRO A 247 1.53 -21.49 3.60
N ALA A 248 0.78 -22.55 3.92
CA ALA A 248 1.27 -23.89 3.63
C ALA A 248 0.54 -24.47 2.42
N THR A 249 -0.48 -23.77 1.96
CA THR A 249 -1.23 -24.20 0.77
C THR A 249 -1.31 -23.09 -0.27
N SER A 250 -0.80 -21.92 0.09
CA SER A 250 -0.87 -20.77 -0.76
C SER A 250 0.48 -20.06 -0.75
N ASP A 251 0.93 -19.61 -1.91
CA ASP A 251 2.09 -18.73 -1.97
C ASP A 251 1.60 -17.34 -2.27
N TYR A 252 2.36 -16.35 -1.85
CA TYR A 252 1.90 -14.99 -2.03
C TYR A 252 3.03 -13.99 -1.97
N ALA A 253 2.72 -12.77 -2.39
CA ALA A 253 3.68 -11.69 -2.45
C ALA A 253 3.02 -10.44 -1.89
N VAL A 254 3.81 -9.56 -1.32
CA VAL A 254 3.28 -8.36 -0.72
C VAL A 254 4.15 -7.24 -1.23
N ILE A 255 3.55 -6.28 -1.92
CA ILE A 255 4.31 -5.16 -2.45
C ILE A 255 3.59 -3.89 -2.14
N THR A 256 4.23 -3.03 -1.36
CA THR A 256 3.59 -1.79 -0.95
C THR A 256 4.59 -0.67 -1.14
N GLY A 257 4.08 0.55 -1.19
CA GLY A 257 4.95 1.69 -1.38
C GLY A 257 4.06 2.88 -1.55
N VAL A 258 4.60 3.99 -2.04
CA VAL A 258 3.81 5.19 -2.23
C VAL A 258 3.58 5.54 -3.72
N GLU A 259 2.32 5.86 -4.05
CA GLU A 259 1.94 6.27 -5.39
C GLU A 259 2.06 7.79 -5.51
N ILE A 260 2.71 8.27 -6.57
CA ILE A 260 2.99 9.70 -6.73
C ILE A 260 2.50 10.21 -8.07
N HIS A 261 1.82 11.34 -8.05
CA HIS A 261 1.35 11.98 -9.26
C HIS A 261 2.16 13.20 -9.60
N ASN A 262 2.69 13.32 -10.82
CA ASN A 262 3.15 14.63 -11.22
C ASN A 262 1.94 15.40 -11.81
N MET A 275 4.45 10.88 -15.38
CA MET A 275 3.48 11.55 -14.53
C MET A 275 3.17 10.75 -13.27
N GLU A 276 3.07 9.44 -13.44
CA GLU A 276 2.75 8.55 -12.34
C GLU A 276 3.96 7.75 -11.84
N PHE A 277 4.21 7.79 -10.54
CA PHE A 277 5.35 7.09 -9.95
C PHE A 277 4.95 6.20 -8.80
N ILE A 278 5.73 5.16 -8.60
CA ILE A 278 5.66 4.32 -7.42
C ILE A 278 7.01 4.33 -6.70
N ALA A 279 7.02 4.75 -5.44
CA ALA A 279 8.23 4.59 -4.65
C ALA A 279 8.02 3.39 -3.72
N PRO A 280 8.58 2.24 -4.11
CA PRO A 280 8.48 1.01 -3.31
C PRO A 280 9.17 1.12 -1.95
N THR A 281 8.60 0.48 -0.94
CA THR A 281 9.18 0.52 0.41
C THR A 281 9.28 -0.86 1.03
N LYS A 282 8.43 -1.77 0.59
CA LYS A 282 8.39 -3.10 1.16
C LYS A 282 7.97 -4.12 0.12
N ALA A 283 8.82 -5.13 -0.09
CA ALA A 283 8.51 -6.18 -1.06
C ALA A 283 9.05 -7.50 -0.58
N TYR A 284 8.18 -8.48 -0.45
CA TYR A 284 8.59 -9.84 -0.17
C TYR A 284 7.61 -10.81 -0.74
N VAL A 285 8.02 -12.08 -0.73
CA VAL A 285 7.25 -13.17 -1.28
C VAL A 285 7.25 -14.31 -0.25
N VAL A 286 6.19 -15.10 -0.23
CA VAL A 286 6.10 -16.22 0.70
C VAL A 286 5.69 -17.48 -0.04
N VAL A 287 6.65 -18.31 -0.39
CA VAL A 287 6.40 -19.48 -1.20
C VAL A 287 6.70 -20.72 -0.35
N ASN A 288 5.75 -21.56 -0.06
CA ASN A 288 6.10 -22.69 0.77
C ASN A 288 6.41 -22.17 2.19
N GLY A 289 5.47 -21.46 2.82
CA GLY A 289 5.72 -20.88 4.13
C GLY A 289 7.09 -20.33 4.45
N VAL A 290 7.84 -19.93 3.44
CA VAL A 290 9.14 -19.34 3.63
C VAL A 290 9.17 -17.98 2.99
N LYS A 291 9.63 -17.00 3.73
CA LYS A 291 9.51 -15.65 3.27
C LYS A 291 10.88 -15.08 2.86
N THR A 292 10.91 -14.48 1.67
CA THR A 292 12.12 -13.88 1.08
C THR A 292 11.92 -12.41 0.75
N HIS A 293 12.76 -11.53 1.25
CA HIS A 293 12.64 -10.12 0.90
C HIS A 293 13.26 -9.83 -0.43
N LEU A 294 12.63 -8.93 -1.18
CA LEU A 294 13.14 -8.55 -2.49
C LEU A 294 13.44 -7.07 -2.52
N ASP A 295 14.48 -6.71 -3.26
CA ASP A 295 14.78 -5.31 -3.50
C ASP A 295 14.54 -5.01 -4.97
N LEU A 296 13.43 -4.33 -5.23
CA LEU A 296 13.06 -3.99 -6.58
C LEU A 296 14.09 -3.06 -7.17
N MET A 297 14.68 -2.24 -6.30
CA MET A 297 15.65 -1.26 -6.77
C MET A 297 16.91 -1.90 -7.32
N MET A 298 17.10 -3.18 -7.05
CA MET A 298 18.29 -3.88 -7.52
C MET A 298 17.98 -4.69 -8.77
N VAL A 299 16.70 -4.79 -9.08
CA VAL A 299 16.29 -5.46 -10.31
C VAL A 299 16.63 -4.59 -11.52
N PRO A 300 17.41 -5.15 -12.45
CA PRO A 300 17.71 -4.50 -13.73
C PRO A 300 16.43 -4.14 -14.50
N PRO A 301 16.29 -2.87 -14.88
CA PRO A 301 15.04 -2.48 -15.55
C PRO A 301 14.97 -2.90 -17.02
N MET A 302 13.74 -3.09 -17.50
CA MET A 302 13.48 -3.16 -18.94
C MET A 302 13.70 -1.80 -19.54
N SER A 303 14.60 -1.73 -20.50
CA SER A 303 14.87 -0.49 -21.18
C SER A 303 13.61 0.09 -21.84
N PHE A 304 12.70 -0.80 -22.22
CA PHE A 304 11.48 -0.40 -22.94
C PHE A 304 10.45 0.26 -22.06
N ARG A 305 10.44 -0.09 -20.79
CA ARG A 305 9.41 0.44 -19.93
C ARG A 305 9.95 1.54 -19.04
N GLN A 306 11.03 2.18 -19.48
CA GLN A 306 11.59 3.30 -18.75
C GLN A 306 11.28 4.65 -19.39
N LEU A 307 11.81 5.71 -18.78
CA LEU A 307 11.52 7.08 -19.19
C LEU A 307 12.81 7.79 -19.60
#